data_5SMK
#
_entry.id   5SMK
#
_cell.length_a   67.538
_cell.length_b   68.093
_cell.length_c   138.425
_cell.angle_alpha   90.000
_cell.angle_beta   90.000
_cell.angle_gamma   90.000
#
_symmetry.space_group_name_H-M   'P 21 21 21'
#
loop_
_entity.id
_entity.type
_entity.pdbx_description
1 polymer 'Proofreading exoribonuclease nsp14'
2 non-polymer 'ZINC ION'
3 non-polymer 'PHOSPHATE ION'
4 water water
#
_entity_poly.entity_id   1
_entity_poly.type   'polypeptide(L)'
_entity_poly.pdbx_seq_one_letter_code
;SMLFKDCSKVITGLHPTQAPTHLSVDTKFKTEGLCVDIPGIPKDMTYRRLISMMGFKMNYQVNGYPNMFITREEAIRHVR
AWIGFDVEGCHATREAVGTNLPLQLGFSTGVNLVAVPTGYVDTPNNTDFSRVSAKPPPGDQFKHLIPLMYKGLPWNVVRI
KIVQMLSDTLKNLSDRVVFVLWAHGFELTSMKYFVKIGPERTCCLCDRRATCFSTASDTYACWHHSIGFDYVYNPFMIDV
QQWGFTGNLQSNHDLYCQVHGNAHVASCDAIMTRCLAVHECFVKRVDWTIEYPIIGDELKINAACRKVQHMVVKAALLAD
KFPVLHDIGNPKAIKCVPQADVEWKFYDAQPCSDKAYKIEELFYSYATHSDKFTDGVCLFWNCNVDRYPANSIVCRFDTR
VLSNLNLPGCDGGSLYVNKHAFHTPAFDKSAFVNLKQLPFFYYSDSPCESHGKQVVSDIDYVPLKSATCITRCNLGGAVC
RHHANEYRLYLDAYNMMISAGFSLWVYKQFDTYNLWNTFTRLQ
;
_entity_poly.pdbx_strand_id   D
#
loop_
_chem_comp.id
_chem_comp.type
_chem_comp.name
_chem_comp.formula
PO4 non-polymer 'PHOSPHATE ION' 'O4 P -3'
ZN non-polymer 'ZINC ION' 'Zn 2'
#
# COMPACT_ATOMS: atom_id res chain seq x y z
N PRO A 20 6.65 -20.96 -17.63
CA PRO A 20 6.14 -21.07 -16.26
C PRO A 20 5.65 -19.73 -15.68
N THR A 21 5.11 -18.86 -16.53
CA THR A 21 4.62 -17.51 -16.13
C THR A 21 3.18 -17.62 -15.59
N HIS A 22 2.27 -18.26 -16.34
CA HIS A 22 0.83 -18.40 -15.95
C HIS A 22 0.58 -19.75 -15.27
N LEU A 23 -0.51 -19.86 -14.52
CA LEU A 23 -0.91 -21.08 -13.78
C LEU A 23 -1.58 -22.04 -14.75
N SER A 24 -0.98 -23.21 -14.99
CA SER A 24 -1.56 -24.24 -15.90
C SER A 24 -2.96 -24.60 -15.41
N VAL A 25 -3.93 -24.67 -16.31
CA VAL A 25 -5.32 -25.12 -15.94
C VAL A 25 -5.28 -26.59 -15.54
N ASP A 26 -4.23 -27.35 -15.93
CA ASP A 26 -4.11 -28.78 -15.58
C ASP A 26 -3.44 -28.94 -14.21
N THR A 27 -3.09 -27.85 -13.52
CA THR A 27 -2.66 -27.91 -12.10
C THR A 27 -3.80 -28.47 -11.23
N LYS A 28 -3.45 -29.28 -10.25
CA LYS A 28 -4.40 -29.88 -9.28
C LYS A 28 -4.84 -28.81 -8.29
N PHE A 29 -6.12 -28.84 -7.98
CA PHE A 29 -6.78 -28.00 -6.98
C PHE A 29 -7.27 -28.91 -5.85
N LYS A 30 -6.86 -28.62 -4.61
CA LYS A 30 -7.30 -29.39 -3.42
C LYS A 30 -8.74 -28.98 -3.07
N THR A 31 -9.67 -29.92 -3.00
CA THR A 31 -11.12 -29.68 -2.92
C THR A 31 -11.65 -29.87 -1.50
N GLU A 32 -10.79 -30.24 -0.54
CA GLU A 32 -11.28 -30.55 0.82
C GLU A 32 -12.05 -29.35 1.40
N GLY A 33 -11.54 -28.14 1.18
CA GLY A 33 -12.19 -26.91 1.67
C GLY A 33 -13.57 -26.67 1.08
N LEU A 34 -13.86 -27.28 -0.08
CA LEU A 34 -15.12 -27.05 -0.84
C LEU A 34 -16.23 -28.05 -0.42
N CYS A 35 -15.91 -29.12 0.32
CA CYS A 35 -16.80 -30.32 0.32
C CYS A 35 -17.98 -30.16 1.28
N VAL A 36 -18.02 -29.09 2.08
CA VAL A 36 -19.21 -28.85 2.97
C VAL A 36 -20.29 -28.09 2.18
N ASP A 37 -19.89 -27.13 1.35
CA ASP A 37 -20.84 -26.46 0.40
C ASP A 37 -21.13 -27.37 -0.79
N ILE A 38 -20.17 -28.19 -1.20
CA ILE A 38 -20.30 -29.06 -2.41
C ILE A 38 -20.01 -30.51 -2.02
N PRO A 39 -20.93 -31.15 -1.29
CA PRO A 39 -20.72 -32.54 -0.88
C PRO A 39 -20.59 -33.49 -2.09
N GLY A 40 -19.64 -34.42 -2.02
CA GLY A 40 -19.39 -35.42 -3.07
C GLY A 40 -18.37 -34.92 -4.05
N ILE A 41 -17.84 -33.71 -3.85
CA ILE A 41 -16.87 -33.14 -4.83
C ILE A 41 -15.68 -34.09 -4.96
N PRO A 42 -15.20 -34.38 -6.18
CA PRO A 42 -14.04 -35.24 -6.37
C PRO A 42 -12.78 -34.73 -5.68
N LYS A 43 -12.02 -35.62 -5.09
CA LYS A 43 -10.72 -35.27 -4.50
C LYS A 43 -9.75 -34.89 -5.62
N ASP A 44 -9.83 -35.57 -6.75
CA ASP A 44 -8.94 -35.35 -7.92
C ASP A 44 -9.59 -34.28 -8.78
N MET A 45 -9.01 -33.09 -8.84
CA MET A 45 -9.63 -31.92 -9.50
C MET A 45 -8.52 -31.04 -10.10
N THR A 46 -8.71 -30.55 -11.32
CA THR A 46 -7.82 -29.54 -11.96
C THR A 46 -8.58 -28.21 -11.99
N TYR A 47 -7.85 -27.13 -12.20
CA TYR A 47 -8.44 -25.80 -12.50
C TYR A 47 -9.39 -25.97 -13.70
N ARG A 48 -8.96 -26.73 -14.73
CA ARG A 48 -9.76 -26.93 -15.97
C ARG A 48 -11.14 -27.42 -15.56
N ARG A 49 -11.21 -28.43 -14.71
CA ARG A 49 -12.52 -29.03 -14.35
C ARG A 49 -13.26 -28.12 -13.35
N LEU A 50 -12.53 -27.44 -12.45
CA LEU A 50 -13.17 -26.51 -11.50
C LEU A 50 -13.86 -25.39 -12.27
N ILE A 51 -13.19 -24.79 -13.25
CA ILE A 51 -13.72 -23.63 -14.04
C ILE A 51 -14.99 -24.10 -14.78
N SER A 52 -14.92 -25.28 -15.38
CA SER A 52 -16.09 -25.89 -16.04
C SER A 52 -17.23 -26.07 -15.01
N MET A 53 -16.93 -26.56 -13.83
CA MET A 53 -17.93 -26.77 -12.76
C MET A 53 -18.53 -25.42 -12.33
N MET A 54 -17.74 -24.36 -12.41
CA MET A 54 -18.22 -23.01 -12.00
C MET A 54 -19.16 -22.45 -13.07
N GLY A 55 -19.34 -23.17 -14.18
CA GLY A 55 -20.25 -22.77 -15.28
C GLY A 55 -19.60 -21.91 -16.34
N PHE A 56 -18.27 -21.85 -16.44
CA PHE A 56 -17.54 -21.05 -17.48
C PHE A 56 -16.97 -22.00 -18.54
N LYS A 57 -16.86 -21.54 -19.79
CA LYS A 57 -16.23 -22.34 -20.88
C LYS A 57 -15.04 -21.56 -21.46
N MET A 58 -13.89 -22.22 -21.63
CA MET A 58 -12.61 -21.58 -22.03
C MET A 58 -12.24 -21.92 -23.51
N ASN A 59 -12.94 -22.86 -24.16
CA ASN A 59 -12.98 -23.01 -25.65
C ASN A 59 -11.61 -23.30 -26.29
N TYR A 60 -10.60 -23.76 -25.52
CA TYR A 60 -9.19 -23.91 -25.97
C TYR A 60 -8.73 -22.60 -26.61
N GLN A 61 -8.84 -21.49 -25.85
CA GLN A 61 -8.57 -20.11 -26.34
C GLN A 61 -7.17 -19.67 -25.91
N VAL A 62 -6.30 -19.42 -26.91
CA VAL A 62 -5.05 -18.63 -26.75
C VAL A 62 -5.38 -17.17 -27.12
N ASN A 63 -6.00 -16.43 -26.19
CA ASN A 63 -6.34 -14.99 -26.37
C ASN A 63 -6.15 -14.26 -25.03
N GLY A 64 -5.00 -14.50 -24.36
CA GLY A 64 -4.46 -13.65 -23.29
C GLY A 64 -5.06 -13.95 -21.92
N TYR A 65 -6.05 -14.84 -21.83
CA TYR A 65 -6.73 -15.23 -20.56
C TYR A 65 -6.69 -16.75 -20.38
N PRO A 66 -5.50 -17.35 -20.11
CA PRO A 66 -5.36 -18.80 -20.06
C PRO A 66 -6.03 -19.47 -18.86
N ASN A 67 -6.21 -18.74 -17.78
CA ASN A 67 -6.80 -19.29 -16.52
C ASN A 67 -7.44 -18.13 -15.73
N MET A 68 -8.61 -18.35 -15.09
CA MET A 68 -9.26 -17.40 -14.17
C MET A 68 -8.40 -17.29 -12.90
N PHE A 69 -7.73 -18.40 -12.53
CA PHE A 69 -6.89 -18.48 -11.32
C PHE A 69 -5.45 -18.17 -11.70
N ILE A 70 -4.72 -17.58 -10.75
CA ILE A 70 -3.33 -17.10 -10.99
C ILE A 70 -2.41 -17.65 -9.90
N THR A 71 -1.11 -17.63 -10.17
CA THR A 71 -0.07 -18.09 -9.22
C THR A 71 0.06 -17.03 -8.11
N ARG A 72 0.70 -17.42 -7.02
CA ARG A 72 1.12 -16.53 -5.92
C ARG A 72 2.02 -15.41 -6.47
N GLU A 73 2.99 -15.73 -7.32
CA GLU A 73 3.90 -14.72 -7.93
C GLU A 73 3.08 -13.70 -8.73
N GLU A 74 2.12 -14.16 -9.55
CA GLU A 74 1.30 -13.24 -10.37
C GLU A 74 0.45 -12.37 -9.43
N ALA A 75 -0.11 -12.96 -8.36
CA ALA A 75 -0.95 -12.25 -7.38
C ALA A 75 -0.12 -11.15 -6.72
N ILE A 76 1.14 -11.44 -6.38
CA ILE A 76 2.05 -10.48 -5.68
C ILE A 76 2.32 -9.31 -6.63
N ARG A 77 2.54 -9.57 -7.92
CA ARG A 77 2.75 -8.49 -8.91
C ARG A 77 1.49 -7.62 -9.01
N HIS A 78 0.31 -8.16 -8.67
CA HIS A 78 -0.98 -7.46 -8.85
C HIS A 78 -1.64 -7.23 -7.48
N VAL A 79 -0.86 -7.02 -6.43
CA VAL A 79 -1.41 -6.78 -5.07
C VAL A 79 -2.41 -5.61 -5.07
N ARG A 80 -2.23 -4.57 -5.89
CA ARG A 80 -3.14 -3.40 -5.91
C ARG A 80 -4.52 -3.83 -6.38
N ALA A 81 -4.61 -4.94 -7.12
CA ALA A 81 -5.88 -5.47 -7.62
C ALA A 81 -6.60 -6.33 -6.57
N TRP A 82 -6.00 -6.62 -5.41
CA TRP A 82 -6.56 -7.64 -4.47
C TRP A 82 -7.85 -7.11 -3.85
N ILE A 83 -8.92 -7.88 -3.99
CA ILE A 83 -10.22 -7.68 -3.32
C ILE A 83 -10.60 -8.99 -2.62
N GLY A 84 -10.57 -9.03 -1.30
CA GLY A 84 -11.05 -10.23 -0.60
C GLY A 84 -12.50 -10.45 -0.94
N PHE A 85 -12.91 -11.70 -1.08
CA PHE A 85 -14.29 -12.01 -1.47
C PHE A 85 -14.75 -13.27 -0.74
N ASP A 86 -15.88 -13.17 -0.04
CA ASP A 86 -16.51 -14.28 0.69
C ASP A 86 -18.01 -14.32 0.39
N VAL A 87 -18.59 -15.50 0.34
CA VAL A 87 -20.06 -15.69 0.20
C VAL A 87 -20.51 -16.63 1.31
N GLU A 88 -21.55 -16.22 2.04
CA GLU A 88 -22.16 -17.02 3.11
C GLU A 88 -23.60 -17.31 2.76
N GLY A 89 -24.02 -18.58 2.89
CA GLY A 89 -25.43 -18.98 3.00
C GLY A 89 -26.11 -18.15 4.06
N CYS A 90 -27.13 -17.39 3.65
CA CYS A 90 -27.85 -16.38 4.46
C CYS A 90 -29.03 -17.08 5.18
N HIS A 91 -29.60 -18.11 4.54
CA HIS A 91 -30.61 -19.03 5.10
C HIS A 91 -30.31 -20.46 4.64
N GLY A 98 -27.32 -21.37 -2.53
CA GLY A 98 -27.54 -22.48 -3.47
C GLY A 98 -28.94 -22.48 -4.05
N THR A 99 -29.24 -21.53 -4.95
CA THR A 99 -30.47 -21.41 -5.80
C THR A 99 -31.75 -21.33 -4.95
N ASN A 100 -31.79 -22.03 -3.81
CA ASN A 100 -32.98 -22.12 -2.90
C ASN A 100 -32.95 -20.92 -1.95
N LEU A 101 -31.77 -20.47 -1.52
CA LEU A 101 -31.61 -19.54 -0.35
C LEU A 101 -30.87 -18.25 -0.73
N PRO A 102 -31.08 -17.16 0.04
CA PRO A 102 -30.35 -15.91 -0.16
C PRO A 102 -28.86 -16.06 0.18
N LEU A 103 -27.99 -15.31 -0.50
CA LEU A 103 -26.52 -15.36 -0.35
C LEU A 103 -26.05 -13.99 0.10
N GLN A 104 -25.16 -13.96 1.10
CA GLN A 104 -24.51 -12.72 1.56
C GLN A 104 -23.13 -12.65 0.90
N LEU A 105 -22.94 -11.67 0.04
CA LEU A 105 -21.68 -11.41 -0.70
C LEU A 105 -20.89 -10.39 0.10
N GLY A 106 -19.71 -10.75 0.57
CA GLY A 106 -18.83 -9.86 1.34
C GLY A 106 -17.58 -9.53 0.58
N PHE A 107 -17.16 -8.26 0.65
CA PHE A 107 -15.92 -7.79 0.00
C PHE A 107 -15.04 -7.09 1.03
N SER A 108 -13.73 -7.13 0.81
CA SER A 108 -12.73 -6.49 1.71
C SER A 108 -12.92 -4.96 1.71
N THR A 109 -13.80 -4.43 0.88
CA THR A 109 -14.20 -3.00 0.96
C THR A 109 -15.11 -2.74 2.17
N GLY A 110 -15.51 -3.77 2.93
CA GLY A 110 -16.48 -3.66 4.03
C GLY A 110 -17.91 -3.82 3.57
N VAL A 111 -18.14 -4.03 2.29
CA VAL A 111 -19.53 -4.09 1.72
C VAL A 111 -20.10 -5.52 1.84
N ASN A 112 -21.35 -5.63 2.34
CA ASN A 112 -22.15 -6.87 2.29
C ASN A 112 -23.39 -6.64 1.43
N LEU A 113 -23.54 -7.42 0.35
CA LEU A 113 -24.77 -7.43 -0.50
C LEU A 113 -25.50 -8.75 -0.31
N VAL A 114 -26.83 -8.72 -0.19
CA VAL A 114 -27.63 -9.98 -0.17
C VAL A 114 -28.24 -10.14 -1.55
N ALA A 115 -27.91 -11.25 -2.25
CA ALA A 115 -28.51 -11.66 -3.54
C ALA A 115 -29.57 -12.73 -3.28
N VAL A 116 -30.79 -12.52 -3.78
CA VAL A 116 -31.92 -13.52 -3.75
C VAL A 116 -32.07 -14.11 -5.14
N PRO A 117 -32.46 -15.41 -5.25
CA PRO A 117 -32.69 -16.03 -6.54
C PRO A 117 -34.08 -15.70 -7.12
N THR A 118 -34.91 -14.97 -6.36
CA THR A 118 -36.31 -14.58 -6.68
C THR A 118 -36.62 -14.77 -8.17
N PRO A 147 -18.32 -2.96 7.14
CA PRO A 147 -19.52 -3.10 7.99
C PRO A 147 -20.88 -2.89 7.30
N LEU A 148 -20.92 -2.33 6.07
CA LEU A 148 -22.17 -1.92 5.36
C LEU A 148 -22.97 -3.17 4.98
N MET A 149 -24.27 -3.17 5.32
CA MET A 149 -25.19 -4.34 5.22
C MET A 149 -26.43 -3.96 4.38
N TYR A 150 -26.55 -4.48 3.15
CA TYR A 150 -27.66 -4.17 2.20
C TYR A 150 -28.70 -5.30 2.22
N LYS A 151 -29.99 -4.93 2.17
CA LYS A 151 -31.16 -5.86 2.13
C LYS A 151 -31.19 -6.59 0.78
N GLY A 152 -31.88 -7.74 0.75
CA GLY A 152 -31.85 -8.74 -0.32
C GLY A 152 -32.47 -8.22 -1.61
N LEU A 153 -31.81 -8.50 -2.74
CA LEU A 153 -32.20 -8.01 -4.08
C LEU A 153 -31.77 -9.05 -5.12
N PRO A 154 -32.47 -9.10 -6.28
CA PRO A 154 -32.10 -10.02 -7.35
C PRO A 154 -30.72 -9.75 -7.94
N TRP A 155 -30.15 -10.78 -8.55
CA TRP A 155 -28.80 -10.75 -9.16
C TRP A 155 -28.69 -9.64 -10.21
N ASN A 156 -29.74 -9.36 -10.96
CA ASN A 156 -29.67 -8.39 -12.09
C ASN A 156 -29.34 -6.99 -11.53
N VAL A 157 -29.75 -6.68 -10.31
CA VAL A 157 -29.39 -5.35 -9.70
C VAL A 157 -28.13 -5.50 -8.84
N VAL A 158 -27.95 -6.63 -8.15
CA VAL A 158 -26.73 -6.88 -7.34
C VAL A 158 -25.49 -6.74 -8.24
N ARG A 159 -25.48 -7.32 -9.46
CA ARG A 159 -24.29 -7.28 -10.35
C ARG A 159 -23.91 -5.83 -10.70
N ILE A 160 -24.90 -4.95 -10.88
CA ILE A 160 -24.66 -3.49 -11.18
C ILE A 160 -23.88 -2.85 -10.03
N LYS A 161 -24.24 -3.14 -8.77
CA LYS A 161 -23.59 -2.59 -7.58
C LYS A 161 -22.15 -3.14 -7.50
N ILE A 162 -21.95 -4.42 -7.84
CA ILE A 162 -20.59 -5.03 -7.83
C ILE A 162 -19.66 -4.29 -8.81
N VAL A 163 -20.10 -4.05 -10.02
CA VAL A 163 -19.30 -3.33 -11.06
C VAL A 163 -18.96 -1.91 -10.55
N GLN A 164 -19.93 -1.17 -9.98
CA GLN A 164 -19.74 0.23 -9.50
C GLN A 164 -18.71 0.19 -8.39
N MET A 165 -18.91 -0.69 -7.43
CA MET A 165 -18.03 -0.80 -6.24
C MET A 165 -16.58 -1.07 -6.65
N LEU A 166 -16.35 -2.11 -7.47
CA LEU A 166 -14.98 -2.49 -7.91
C LEU A 166 -14.37 -1.37 -8.75
N SER A 167 -15.15 -0.77 -9.66
CA SER A 167 -14.67 0.32 -10.56
C SER A 167 -14.19 1.51 -9.70
N ASP A 168 -14.98 1.95 -8.72
CA ASP A 168 -14.60 3.09 -7.84
C ASP A 168 -13.40 2.71 -6.96
N THR A 169 -13.29 1.46 -6.51
CA THR A 169 -12.18 1.01 -5.64
C THR A 169 -10.89 0.93 -6.47
N LEU A 170 -10.97 0.42 -7.69
CA LEU A 170 -9.76 -0.06 -8.43
C LEU A 170 -9.28 0.90 -9.52
N LYS A 171 -10.09 1.85 -9.98
CA LYS A 171 -9.74 2.62 -11.21
C LYS A 171 -8.39 3.35 -11.07
N ASN A 172 -8.04 3.78 -9.87
CA ASN A 172 -6.76 4.52 -9.61
C ASN A 172 -5.68 3.58 -9.07
N LEU A 173 -5.94 2.27 -9.00
CA LEU A 173 -5.01 1.30 -8.39
C LEU A 173 -4.42 0.36 -9.45
N SER A 174 -5.26 -0.22 -10.30
CA SER A 174 -4.87 -1.40 -11.10
C SER A 174 -5.70 -1.49 -12.39
N ASP A 175 -5.17 -2.26 -13.34
CA ASP A 175 -5.83 -2.59 -14.64
C ASP A 175 -6.73 -3.83 -14.50
N ARG A 176 -6.85 -4.42 -13.31
CA ARG A 176 -7.64 -5.67 -13.15
C ARG A 176 -8.21 -5.80 -11.73
N VAL A 177 -8.91 -6.90 -11.48
CA VAL A 177 -9.28 -7.33 -10.11
C VAL A 177 -8.71 -8.72 -9.89
N VAL A 178 -8.16 -8.96 -8.68
CA VAL A 178 -7.81 -10.31 -8.16
C VAL A 178 -8.70 -10.59 -6.95
N PHE A 179 -9.68 -11.45 -7.11
CA PHE A 179 -10.50 -11.92 -5.97
C PHE A 179 -9.68 -12.87 -5.12
N VAL A 180 -9.45 -12.48 -3.87
CA VAL A 180 -8.68 -13.26 -2.87
C VAL A 180 -9.70 -14.07 -2.05
N LEU A 181 -9.60 -15.40 -2.16
CA LEU A 181 -10.60 -16.33 -1.59
C LEU A 181 -9.99 -17.17 -0.47
N TRP A 182 -10.84 -17.55 0.47
CA TRP A 182 -10.66 -18.74 1.32
C TRP A 182 -11.83 -19.67 0.97
N ALA A 183 -11.65 -20.41 -0.11
CA ALA A 183 -12.77 -20.93 -0.92
C ALA A 183 -13.43 -22.10 -0.19
N HIS A 184 -14.75 -22.02 0.00
CA HIS A 184 -15.54 -23.14 0.58
C HIS A 184 -16.67 -23.55 -0.35
N GLY A 185 -16.89 -22.87 -1.47
CA GLY A 185 -17.77 -23.34 -2.56
C GLY A 185 -18.78 -22.30 -3.03
N PHE A 186 -19.55 -21.68 -2.13
CA PHE A 186 -20.63 -20.74 -2.57
C PHE A 186 -20.04 -19.53 -3.31
N GLU A 187 -18.82 -19.11 -2.97
CA GLU A 187 -18.18 -17.94 -3.65
C GLU A 187 -17.89 -18.34 -5.08
N LEU A 188 -17.41 -19.57 -5.32
CA LEU A 188 -17.07 -20.00 -6.69
C LEU A 188 -18.34 -20.21 -7.52
N THR A 189 -19.40 -20.78 -6.96
CA THR A 189 -20.64 -21.07 -7.73
C THR A 189 -21.49 -19.80 -7.87
N SER A 190 -21.11 -18.68 -7.25
CA SER A 190 -21.92 -17.45 -7.40
C SER A 190 -21.32 -16.56 -8.51
N MET A 191 -20.11 -16.87 -8.98
CA MET A 191 -19.39 -16.01 -9.95
C MET A 191 -20.13 -15.94 -11.29
N LYS A 192 -20.73 -17.04 -11.74
CA LYS A 192 -21.50 -17.09 -13.01
C LYS A 192 -22.59 -16.01 -13.03
N TYR A 193 -23.06 -15.54 -11.87
CA TYR A 193 -24.16 -14.55 -11.78
C TYR A 193 -23.68 -13.10 -11.95
N PHE A 194 -22.38 -12.82 -11.95
CA PHE A 194 -21.89 -11.43 -12.16
C PHE A 194 -20.56 -11.37 -12.93
N VAL A 195 -20.03 -12.48 -13.41
CA VAL A 195 -18.76 -12.54 -14.18
C VAL A 195 -19.04 -13.06 -15.60
N LYS A 196 -18.43 -12.42 -16.60
CA LYS A 196 -18.32 -12.95 -17.97
C LYS A 196 -16.83 -13.06 -18.30
N ILE A 197 -16.47 -14.03 -19.11
CA ILE A 197 -15.06 -14.26 -19.51
C ILE A 197 -15.00 -14.39 -21.03
N GLY A 198 -13.81 -14.24 -21.57
CA GLY A 198 -13.61 -14.33 -23.01
C GLY A 198 -12.21 -13.90 -23.33
N PRO A 199 -11.97 -13.51 -24.59
CA PRO A 199 -10.66 -13.01 -24.97
C PRO A 199 -10.40 -11.67 -24.27
N GLU A 200 -9.13 -11.40 -24.04
CA GLU A 200 -8.67 -10.07 -23.59
C GLU A 200 -9.18 -9.03 -24.59
N ARG A 201 -9.69 -7.90 -24.08
CA ARG A 201 -10.27 -6.81 -24.90
C ARG A 201 -9.73 -5.48 -24.41
N THR A 202 -10.01 -4.43 -25.18
CA THR A 202 -9.69 -3.04 -24.79
C THR A 202 -11.01 -2.35 -24.50
N CYS A 203 -10.93 -1.30 -23.69
CA CYS A 203 -12.06 -0.43 -23.33
C CYS A 203 -12.64 0.19 -24.60
N CYS A 204 -13.96 0.40 -24.63
CA CYS A 204 -14.66 1.00 -25.80
C CYS A 204 -14.29 2.49 -25.89
N LEU A 205 -13.85 3.13 -24.80
CA LEU A 205 -13.57 4.58 -24.75
C LEU A 205 -12.07 4.89 -24.56
N CYS A 206 -11.20 3.90 -24.32
CA CYS A 206 -9.74 4.16 -24.14
C CYS A 206 -8.94 2.91 -24.48
N ASP A 207 -7.64 2.94 -24.24
CA ASP A 207 -6.67 1.90 -24.66
C ASP A 207 -6.41 0.92 -23.53
N ARG A 208 -6.99 1.16 -22.35
CA ARG A 208 -6.82 0.25 -21.17
C ARG A 208 -7.52 -1.09 -21.43
N ARG A 209 -7.03 -2.17 -20.83
CA ARG A 209 -7.70 -3.47 -20.97
C ARG A 209 -9.09 -3.35 -20.32
N ALA A 210 -10.03 -4.11 -20.86
CA ALA A 210 -11.45 -4.16 -20.44
C ALA A 210 -11.57 -5.01 -19.17
N THR A 211 -12.31 -4.48 -18.20
CA THR A 211 -12.55 -5.09 -16.88
C THR A 211 -14.05 -5.31 -16.68
N CYS A 212 -14.89 -4.73 -17.52
CA CYS A 212 -16.36 -4.79 -17.36
C CYS A 212 -17.02 -4.98 -18.73
N PHE A 213 -18.23 -5.54 -18.71
CA PHE A 213 -19.08 -5.76 -19.89
C PHE A 213 -20.48 -5.23 -19.60
N SER A 214 -21.15 -4.67 -20.61
CA SER A 214 -22.56 -4.23 -20.52
C SER A 214 -23.41 -5.10 -21.44
N THR A 215 -24.42 -5.78 -20.90
CA THR A 215 -25.45 -6.51 -21.71
C THR A 215 -26.39 -5.51 -22.40
N ALA A 216 -26.56 -4.28 -21.88
CA ALA A 216 -27.41 -3.23 -22.47
C ALA A 216 -26.86 -2.80 -23.83
N SER A 217 -25.57 -2.49 -23.91
CA SER A 217 -24.88 -1.93 -25.11
C SER A 217 -24.05 -2.99 -25.87
N ASP A 218 -23.81 -4.17 -25.30
CA ASP A 218 -22.89 -5.15 -25.90
C ASP A 218 -21.45 -4.60 -26.07
N THR A 219 -20.95 -3.82 -25.13
CA THR A 219 -19.60 -3.19 -25.18
C THR A 219 -18.83 -3.51 -23.89
N TYR A 220 -17.56 -3.12 -23.89
CA TYR A 220 -16.54 -3.43 -22.87
C TYR A 220 -15.91 -2.12 -22.41
N ALA A 221 -15.52 -2.07 -21.14
CA ALA A 221 -14.97 -0.87 -20.50
C ALA A 221 -13.89 -1.27 -19.51
N CYS A 222 -12.95 -0.36 -19.26
CA CYS A 222 -12.03 -0.40 -18.11
C CYS A 222 -12.77 0.12 -16.87
N TRP A 223 -12.06 0.23 -15.74
CA TRP A 223 -12.66 0.67 -14.45
C TRP A 223 -13.07 2.14 -14.57
N HIS A 224 -12.38 2.91 -15.41
CA HIS A 224 -12.63 4.37 -15.58
C HIS A 224 -13.95 4.64 -16.32
N HIS A 225 -14.42 3.75 -17.22
CA HIS A 225 -15.49 4.06 -18.19
C HIS A 225 -16.68 3.13 -18.05
N SER A 226 -16.87 2.53 -16.87
CA SER A 226 -17.78 1.38 -16.68
C SER A 226 -19.16 1.83 -16.14
N ILE A 227 -19.44 3.12 -16.05
CA ILE A 227 -20.70 3.56 -15.38
C ILE A 227 -21.89 2.92 -16.12
N GLY A 228 -22.82 2.28 -15.40
CA GLY A 228 -23.98 1.60 -16.01
C GLY A 228 -23.68 0.18 -16.48
N PHE A 229 -22.44 -0.31 -16.38
CA PHE A 229 -22.06 -1.68 -16.82
C PHE A 229 -22.50 -2.71 -15.76
N ASP A 230 -22.83 -3.93 -16.19
CA ASP A 230 -23.54 -4.91 -15.32
C ASP A 230 -22.72 -6.19 -15.08
N TYR A 231 -21.65 -6.46 -15.84
CA TYR A 231 -20.82 -7.67 -15.60
C TYR A 231 -19.34 -7.31 -15.41
N VAL A 232 -18.71 -8.03 -14.46
CA VAL A 232 -17.23 -8.08 -14.29
C VAL A 232 -16.69 -8.97 -15.41
N TYR A 233 -15.69 -8.50 -16.12
CA TYR A 233 -15.17 -9.17 -17.34
C TYR A 233 -13.72 -9.58 -17.08
N ASN A 234 -13.43 -10.86 -17.27
CA ASN A 234 -12.07 -11.44 -17.13
C ASN A 234 -11.47 -11.03 -15.79
N PRO A 235 -12.16 -11.30 -14.65
CA PRO A 235 -11.50 -11.16 -13.35
C PRO A 235 -10.42 -12.25 -13.20
N PHE A 236 -9.52 -12.04 -12.23
CA PHE A 236 -8.59 -13.07 -11.71
C PHE A 236 -8.96 -13.41 -10.27
N MET A 237 -8.44 -14.54 -9.82
CA MET A 237 -8.75 -15.04 -8.47
C MET A 237 -7.66 -16.00 -8.03
N ILE A 238 -7.53 -16.12 -6.71
CA ILE A 238 -6.56 -17.02 -6.03
C ILE A 238 -7.21 -17.54 -4.74
N ASP A 239 -7.10 -18.85 -4.50
CA ASP A 239 -7.67 -19.48 -3.28
C ASP A 239 -6.51 -19.69 -2.32
N VAL A 240 -6.47 -18.88 -1.26
CA VAL A 240 -5.41 -18.87 -0.22
C VAL A 240 -5.36 -20.27 0.41
N GLN A 241 -6.50 -20.94 0.48
CA GLN A 241 -6.58 -22.29 1.10
C GLN A 241 -5.70 -23.26 0.30
N GLN A 242 -5.29 -22.97 -0.95
CA GLN A 242 -4.40 -23.87 -1.73
C GLN A 242 -2.97 -23.81 -1.24
N TRP A 243 -2.63 -22.91 -0.32
CA TRP A 243 -1.22 -22.59 0.04
C TRP A 243 -0.72 -23.52 1.16
N GLY A 244 -1.60 -24.31 1.76
CA GLY A 244 -1.21 -25.35 2.73
C GLY A 244 -1.24 -24.79 4.13
N PHE A 245 -2.46 -24.58 4.63
CA PHE A 245 -2.75 -24.15 6.02
C PHE A 245 -3.42 -25.33 6.70
N THR A 246 -3.33 -25.34 8.04
CA THR A 246 -4.09 -26.21 8.95
C THR A 246 -5.10 -25.36 9.71
N GLY A 247 -6.33 -25.85 9.84
CA GLY A 247 -7.39 -25.13 10.56
C GLY A 247 -7.97 -24.01 9.72
N ASN A 248 -8.90 -23.27 10.31
CA ASN A 248 -9.84 -22.43 9.55
C ASN A 248 -9.22 -21.04 9.33
N LEU A 249 -9.93 -20.20 8.60
CA LEU A 249 -9.52 -18.81 8.28
C LEU A 249 -9.20 -18.05 9.56
N GLN A 250 -10.17 -17.95 10.47
CA GLN A 250 -10.04 -17.11 11.69
C GLN A 250 -8.80 -17.55 12.47
N SER A 251 -8.58 -18.86 12.68
CA SER A 251 -7.46 -19.35 13.51
C SER A 251 -6.13 -18.99 12.84
N ASN A 252 -6.05 -18.98 11.51
CA ASN A 252 -4.77 -18.64 10.81
C ASN A 252 -4.58 -17.13 10.80
N HIS A 253 -5.63 -16.37 10.49
CA HIS A 253 -5.63 -14.88 10.46
C HIS A 253 -5.19 -14.35 11.84
N ASP A 254 -5.76 -14.90 12.91
CA ASP A 254 -5.63 -14.36 14.31
C ASP A 254 -4.24 -14.66 14.88
N LEU A 255 -3.46 -15.56 14.29
CA LEU A 255 -2.03 -15.76 14.64
C LEU A 255 -1.26 -14.46 14.45
N TYR A 256 -1.61 -13.64 13.46
CA TYR A 256 -0.76 -12.54 12.95
C TYR A 256 -1.39 -11.17 13.18
N CYS A 257 -2.68 -11.10 13.50
CA CYS A 257 -3.43 -9.84 13.44
C CYS A 257 -4.56 -9.81 14.48
N GLN A 258 -4.63 -8.71 15.21
CA GLN A 258 -5.60 -8.46 16.31
C GLN A 258 -6.55 -7.33 15.92
N VAL A 259 -6.45 -6.76 14.71
CA VAL A 259 -7.18 -5.52 14.33
C VAL A 259 -8.49 -5.85 13.60
N HIS A 260 -8.53 -6.95 12.87
CA HIS A 260 -9.74 -7.46 12.18
C HIS A 260 -10.40 -8.50 13.06
N GLY A 261 -11.60 -8.21 13.54
CA GLY A 261 -12.41 -9.14 14.35
C GLY A 261 -13.19 -10.07 13.45
N ASN A 262 -14.05 -10.90 14.03
CA ASN A 262 -15.05 -11.70 13.28
C ASN A 262 -16.45 -11.41 13.83
N ALA A 263 -17.19 -10.53 13.15
CA ALA A 263 -18.61 -10.25 13.44
C ALA A 263 -19.49 -11.36 12.86
N HIS A 264 -18.92 -12.36 12.17
CA HIS A 264 -19.64 -13.49 11.52
C HIS A 264 -20.53 -12.94 10.39
N VAL A 265 -19.98 -12.01 9.61
CA VAL A 265 -20.57 -11.50 8.33
C VAL A 265 -19.52 -11.67 7.23
N ALA A 266 -19.97 -11.88 6.00
CA ALA A 266 -19.14 -12.22 4.83
C ALA A 266 -17.99 -11.21 4.68
N SER A 267 -18.24 -9.92 4.89
CA SER A 267 -17.20 -8.89 4.64
C SER A 267 -16.05 -9.07 5.64
N CYS A 268 -16.33 -9.54 6.87
CA CYS A 268 -15.28 -9.80 7.88
C CYS A 268 -14.35 -10.89 7.37
N ASP A 269 -14.90 -11.99 6.85
CA ASP A 269 -14.08 -13.09 6.29
C ASP A 269 -13.27 -12.57 5.08
N ALA A 270 -13.90 -11.79 4.21
CA ALA A 270 -13.25 -11.19 3.01
C ALA A 270 -12.02 -10.37 3.44
N ILE A 271 -12.19 -9.55 4.47
CA ILE A 271 -11.11 -8.70 5.05
C ILE A 271 -10.02 -9.59 5.67
N MET A 272 -10.39 -10.61 6.44
CA MET A 272 -9.41 -11.52 7.09
C MET A 272 -8.63 -12.27 6.01
N THR A 273 -9.30 -12.70 4.93
CA THR A 273 -8.68 -13.50 3.84
C THR A 273 -7.59 -12.65 3.17
N ARG A 274 -7.92 -11.43 2.76
CA ARG A 274 -6.93 -10.53 2.13
C ARG A 274 -5.81 -10.20 3.14
N CYS A 275 -6.14 -9.99 4.42
CA CYS A 275 -5.13 -9.67 5.47
C CYS A 275 -4.17 -10.85 5.58
N LEU A 276 -4.70 -12.08 5.68
CA LEU A 276 -3.82 -13.26 5.75
C LEU A 276 -2.90 -13.33 4.52
N ALA A 277 -3.44 -13.09 3.32
CA ALA A 277 -2.66 -13.16 2.07
C ALA A 277 -1.55 -12.09 2.11
N VAL A 278 -1.88 -10.88 2.54
CA VAL A 278 -0.83 -9.83 2.62
C VAL A 278 0.25 -10.27 3.62
N HIS A 279 -0.13 -10.86 4.74
CA HIS A 279 0.85 -11.34 5.75
C HIS A 279 1.79 -12.36 5.08
N GLU A 280 1.22 -13.32 4.36
CA GLU A 280 1.99 -14.43 3.76
C GLU A 280 2.95 -13.91 2.70
N CYS A 281 2.56 -12.86 1.96
CA CYS A 281 3.28 -12.46 0.74
C CYS A 281 4.20 -11.26 1.01
N PHE A 282 3.95 -10.47 2.07
CA PHE A 282 4.66 -9.17 2.25
C PHE A 282 5.20 -9.01 3.68
N VAL A 283 4.76 -9.83 4.63
CA VAL A 283 5.29 -9.72 6.03
C VAL A 283 6.30 -10.85 6.24
N LYS A 284 5.81 -12.09 6.30
CA LYS A 284 6.65 -13.29 6.54
C LYS A 284 7.62 -13.45 5.35
N ARG A 285 7.13 -13.24 4.13
CA ARG A 285 7.97 -13.24 2.91
C ARG A 285 8.05 -11.79 2.42
N VAL A 286 9.21 -11.38 1.88
CA VAL A 286 9.46 -10.01 1.33
C VAL A 286 10.27 -10.17 0.04
N ASP A 287 9.86 -9.49 -1.03
CA ASP A 287 10.63 -9.42 -2.30
C ASP A 287 10.69 -7.97 -2.79
N TRP A 288 11.85 -7.33 -2.67
CA TRP A 288 12.11 -5.93 -3.06
C TRP A 288 12.67 -5.86 -4.50
N THR A 289 12.79 -6.99 -5.19
CA THR A 289 13.17 -7.04 -6.63
C THR A 289 11.94 -6.70 -7.49
N ILE A 290 10.73 -6.95 -6.97
CA ILE A 290 9.47 -6.73 -7.74
C ILE A 290 9.27 -5.22 -7.86
N GLU A 291 9.18 -4.75 -9.10
CA GLU A 291 8.88 -3.35 -9.49
C GLU A 291 7.37 -3.26 -9.72
N TYR A 292 6.75 -2.14 -9.39
CA TYR A 292 5.30 -1.90 -9.58
C TYR A 292 5.16 -0.66 -10.43
N PRO A 293 4.16 -0.62 -11.35
CA PRO A 293 3.95 0.53 -12.22
C PRO A 293 3.68 1.84 -11.45
N ILE A 294 4.00 2.96 -12.11
CA ILE A 294 3.70 4.33 -11.63
C ILE A 294 2.21 4.55 -11.80
N ILE A 295 1.49 4.86 -10.74
CA ILE A 295 0.02 5.14 -10.79
C ILE A 295 -0.29 6.54 -10.24
N GLY A 296 0.70 7.23 -9.70
CA GLY A 296 0.45 8.51 -8.99
C GLY A 296 1.68 9.39 -8.97
N ASP A 297 1.95 10.00 -7.80
CA ASP A 297 2.98 11.06 -7.66
C ASP A 297 4.27 10.41 -7.16
N GLU A 298 4.48 9.14 -7.44
CA GLU A 298 5.65 8.38 -6.90
C GLU A 298 6.90 9.23 -7.09
N LEU A 299 7.16 9.72 -8.30
CA LEU A 299 8.48 10.32 -8.63
C LEU A 299 8.67 11.61 -7.84
N LYS A 300 7.62 12.43 -7.73
CA LYS A 300 7.63 13.74 -7.03
C LYS A 300 7.85 13.48 -5.54
N ILE A 301 7.12 12.49 -4.99
CA ILE A 301 7.19 12.08 -3.57
C ILE A 301 8.63 11.65 -3.29
N ASN A 302 9.21 10.80 -4.15
CA ASN A 302 10.58 10.28 -3.94
C ASN A 302 11.60 11.45 -4.00
N ALA A 303 11.48 12.32 -4.99
CA ALA A 303 12.34 13.51 -5.11
C ALA A 303 12.22 14.41 -3.87
N ALA A 304 10.99 14.65 -3.43
CA ALA A 304 10.67 15.51 -2.26
C ALA A 304 11.37 14.91 -1.03
N CYS A 305 11.34 13.59 -0.90
CA CYS A 305 11.95 12.87 0.23
C CYS A 305 13.45 13.16 0.27
N ARG A 306 14.13 13.09 -0.88
CA ARG A 306 15.60 13.33 -0.95
C ARG A 306 15.89 14.80 -0.61
N LYS A 307 15.03 15.73 -1.05
CA LYS A 307 15.26 17.18 -0.84
C LYS A 307 15.05 17.54 0.64
N VAL A 308 14.00 17.01 1.24
CA VAL A 308 13.66 17.29 2.66
C VAL A 308 14.73 16.66 3.56
N GLN A 309 15.16 15.45 3.25
CA GLN A 309 16.19 14.77 4.07
C GLN A 309 17.48 15.59 4.08
N HIS A 310 17.95 16.04 2.92
CA HIS A 310 19.16 16.88 2.81
C HIS A 310 18.97 18.17 3.62
N MET A 311 17.84 18.83 3.45
CA MET A 311 17.55 20.12 4.11
C MET A 311 17.61 19.94 5.63
N VAL A 312 16.87 18.96 6.16
CA VAL A 312 16.66 18.81 7.63
C VAL A 312 17.98 18.41 8.29
N VAL A 313 18.70 17.46 7.71
CA VAL A 313 19.97 16.98 8.32
C VAL A 313 21.02 18.08 8.20
N LYS A 314 21.14 18.72 7.04
CA LYS A 314 22.12 19.83 6.88
C LYS A 314 21.90 20.88 7.99
N ALA A 315 20.64 21.27 8.22
CA ALA A 315 20.27 22.32 9.20
C ALA A 315 20.54 21.85 10.62
N ALA A 316 20.21 20.61 10.96
CA ALA A 316 20.51 20.08 12.31
C ALA A 316 22.03 20.12 12.55
N LEU A 317 22.83 19.75 11.56
CA LEU A 317 24.30 19.72 11.75
C LEU A 317 24.80 21.16 11.92
N LEU A 318 24.32 22.10 11.12
CA LEU A 318 24.69 23.56 11.23
C LEU A 318 24.24 24.10 12.59
N ALA A 319 23.02 23.77 13.02
CA ALA A 319 22.40 24.39 14.23
C ALA A 319 23.10 23.87 15.50
N ASP A 320 23.45 22.57 15.56
CA ASP A 320 23.91 21.94 16.83
C ASP A 320 25.31 21.37 16.69
N LYS A 321 25.89 21.34 15.49
CA LYS A 321 27.33 21.02 15.25
C LYS A 321 27.68 19.68 15.91
N PHE A 322 26.84 18.67 15.75
CA PHE A 322 27.15 17.30 16.24
C PHE A 322 28.48 16.85 15.66
N PRO A 323 29.38 16.27 16.48
CA PRO A 323 30.64 15.71 15.97
C PRO A 323 30.49 14.38 15.22
N VAL A 324 29.42 13.65 15.50
CA VAL A 324 29.16 12.31 14.89
C VAL A 324 27.66 12.18 14.56
N LEU A 325 27.36 11.56 13.43
CA LEU A 325 25.99 11.19 13.05
C LEU A 325 25.95 9.66 12.88
N HIS A 326 25.01 9.01 13.58
CA HIS A 326 24.72 7.55 13.43
C HIS A 326 23.54 7.38 12.47
N ASP A 327 23.82 6.88 11.25
CA ASP A 327 22.82 6.79 10.15
C ASP A 327 22.30 5.36 10.14
N ILE A 328 21.10 5.14 10.72
CA ILE A 328 20.57 3.77 11.01
C ILE A 328 19.46 3.45 10.02
N GLY A 329 19.66 2.43 9.18
CA GLY A 329 18.60 1.98 8.28
C GLY A 329 19.16 1.40 7.02
N ASN A 330 18.59 1.80 5.89
CA ASN A 330 18.84 1.11 4.61
C ASN A 330 20.34 0.85 4.43
N PRO A 331 20.77 -0.43 4.25
CA PRO A 331 22.20 -0.70 4.00
C PRO A 331 22.73 -0.10 2.69
N LYS A 332 21.86 0.43 1.83
CA LYS A 332 22.22 1.08 0.54
C LYS A 332 22.33 2.61 0.73
N ALA A 333 22.12 3.13 1.94
CA ALA A 333 22.03 4.60 2.18
C ALA A 333 23.37 5.26 1.84
N ILE A 334 23.29 6.45 1.24
CA ILE A 334 24.41 7.37 0.88
C ILE A 334 24.30 8.56 1.85
N LYS A 335 25.42 9.22 2.12
CA LYS A 335 25.47 10.48 2.92
C LYS A 335 24.54 11.50 2.27
N CYS A 336 23.48 11.94 2.97
CA CYS A 336 22.45 12.87 2.43
C CYS A 336 22.99 14.31 2.45
N VAL A 337 24.03 14.57 3.26
CA VAL A 337 24.76 15.89 3.31
C VAL A 337 26.26 15.63 3.14
N PRO A 338 26.71 15.40 1.88
CA PRO A 338 28.07 14.93 1.63
C PRO A 338 29.17 15.97 1.91
N GLN A 339 28.82 17.24 2.03
CA GLN A 339 29.82 18.32 2.27
C GLN A 339 29.98 18.56 3.78
N ALA A 340 29.08 18.05 4.64
CA ALA A 340 29.08 18.25 6.11
C ALA A 340 30.37 17.73 6.74
N ASP A 341 30.85 18.40 7.79
CA ASP A 341 32.17 18.15 8.47
C ASP A 341 32.14 16.87 9.31
N VAL A 342 30.96 16.36 9.64
CA VAL A 342 30.64 15.42 10.74
C VAL A 342 31.26 14.04 10.47
N GLU A 343 31.47 13.26 11.52
CA GLU A 343 31.83 11.83 11.39
C GLU A 343 30.55 11.03 11.12
N TRP A 344 30.43 10.51 9.91
CA TRP A 344 29.22 9.83 9.39
C TRP A 344 29.44 8.32 9.48
N LYS A 345 28.66 7.67 10.36
CA LYS A 345 28.76 6.21 10.62
C LYS A 345 27.44 5.56 10.24
N PHE A 346 27.49 4.51 9.45
CA PHE A 346 26.31 3.79 8.91
C PHE A 346 26.12 2.48 9.66
N TYR A 347 24.85 2.17 9.92
CA TYR A 347 24.37 0.93 10.58
C TYR A 347 23.27 0.36 9.68
N ASP A 348 23.42 -0.92 9.32
CA ASP A 348 22.58 -1.61 8.32
C ASP A 348 21.35 -2.18 9.03
N ALA A 349 20.18 -1.77 8.59
CA ALA A 349 18.88 -2.37 8.96
C ALA A 349 17.94 -2.25 7.77
N GLN A 350 17.47 -3.40 7.31
CA GLN A 350 16.41 -3.51 6.30
C GLN A 350 15.14 -2.92 6.91
N PRO A 351 14.23 -2.47 6.03
CA PRO A 351 12.91 -2.00 6.44
C PRO A 351 12.15 -3.11 7.17
N CYS A 352 11.79 -2.93 8.44
CA CYS A 352 11.02 -3.95 9.21
C CYS A 352 9.60 -4.00 8.63
N SER A 353 9.14 -5.20 8.29
CA SER A 353 7.82 -5.43 7.67
C SER A 353 6.82 -5.93 8.73
N ASP A 354 7.29 -6.46 9.88
CA ASP A 354 6.41 -7.15 10.84
C ASP A 354 6.16 -6.24 12.04
N LYS A 355 7.05 -6.27 13.02
CA LYS A 355 7.00 -5.41 14.23
C LYS A 355 8.09 -4.34 14.05
N ALA A 356 7.87 -3.13 14.59
CA ALA A 356 8.94 -2.10 14.69
C ALA A 356 10.15 -2.72 15.40
N TYR A 357 11.36 -2.35 14.99
CA TYR A 357 12.60 -2.75 15.65
C TYR A 357 12.57 -2.31 17.12
N LYS A 358 13.09 -3.16 18.01
CA LYS A 358 13.34 -2.78 19.43
C LYS A 358 14.64 -1.98 19.46
N ILE A 359 14.61 -0.75 19.99
CA ILE A 359 15.85 0.07 20.05
C ILE A 359 16.94 -0.72 20.81
N GLU A 360 16.56 -1.54 21.80
CA GLU A 360 17.51 -2.32 22.63
C GLU A 360 18.31 -3.25 21.73
N GLU A 361 17.65 -3.92 20.77
CA GLU A 361 18.33 -4.89 19.86
C GLU A 361 19.15 -4.11 18.81
N LEU A 362 18.63 -3.03 18.24
CA LEU A 362 19.44 -2.23 17.28
C LEU A 362 20.74 -1.74 17.91
N PHE A 363 20.71 -1.22 19.13
CA PHE A 363 21.84 -0.48 19.76
C PHE A 363 22.68 -1.39 20.65
N TYR A 364 22.04 -2.12 21.56
CA TYR A 364 22.72 -2.91 22.61
C TYR A 364 22.89 -4.35 22.10
N SER A 365 23.28 -5.26 22.98
CA SER A 365 24.17 -6.40 22.65
C SER A 365 25.55 -5.82 22.30
N TYR A 366 25.95 -4.78 23.04
CA TYR A 366 27.28 -4.11 23.00
C TYR A 366 27.37 -3.28 21.72
N HIS A 369 30.73 -0.28 15.51
CA HIS A 369 29.82 0.73 16.13
C HIS A 369 30.65 1.77 16.89
N SER A 370 30.30 3.06 16.79
CA SER A 370 30.67 4.08 17.80
C SER A 370 30.16 3.58 19.15
N ASP A 371 29.16 2.68 19.15
CA ASP A 371 28.52 2.06 20.34
C ASP A 371 27.87 3.16 21.17
N LYS A 372 28.58 4.29 21.35
CA LYS A 372 28.09 5.56 21.95
C LYS A 372 27.15 6.23 20.91
N PHE A 373 25.94 5.69 20.80
CA PHE A 373 24.79 6.29 20.03
C PHE A 373 24.22 7.50 20.78
N THR A 374 24.65 7.73 22.03
CA THR A 374 24.28 8.92 22.86
C THR A 374 25.18 10.09 22.46
N ASP A 375 26.34 9.85 21.81
CA ASP A 375 27.20 10.89 21.20
C ASP A 375 26.57 11.36 19.89
N GLY A 376 26.61 12.67 19.67
CA GLY A 376 26.12 13.29 18.42
C GLY A 376 24.65 13.02 18.22
N VAL A 377 24.26 12.70 16.99
CA VAL A 377 22.81 12.59 16.65
C VAL A 377 22.60 11.27 15.89
N CYS A 378 21.41 10.71 16.04
CA CYS A 378 21.02 9.47 15.33
C CYS A 378 20.02 9.87 14.24
N LEU A 379 20.22 9.37 13.02
CA LEU A 379 19.29 9.60 11.89
C LEU A 379 18.54 8.30 11.62
N PHE A 380 17.22 8.30 11.82
CA PHE A 380 16.31 7.18 11.48
C PHE A 380 15.41 7.59 10.32
N TRP A 381 15.87 7.43 9.10
CA TRP A 381 15.10 7.84 7.90
C TRP A 381 14.35 6.63 7.37
N ASN A 382 13.06 6.51 7.74
CA ASN A 382 12.19 5.33 7.50
C ASN A 382 12.79 4.08 8.11
N CYS A 383 13.38 4.19 9.28
CA CYS A 383 13.79 3.04 10.10
C CYS A 383 12.89 2.98 11.34
N ASN A 384 11.85 2.12 11.31
CA ASN A 384 10.73 2.13 12.28
C ASN A 384 11.18 1.41 13.56
N VAL A 385 11.29 2.13 14.66
CA VAL A 385 11.70 1.56 15.97
C VAL A 385 10.57 1.83 16.97
N ASP A 386 10.54 1.03 18.04
CA ASP A 386 9.48 1.11 19.08
C ASP A 386 9.59 2.46 19.83
N ARG A 387 10.80 2.95 20.03
CA ARG A 387 11.02 4.21 20.80
C ARG A 387 12.35 4.83 20.41
N TYR A 388 12.29 6.02 19.83
CA TYR A 388 13.50 6.74 19.34
C TYR A 388 14.21 7.35 20.55
N PRO A 389 15.55 7.32 20.54
CA PRO A 389 16.30 8.05 21.55
C PRO A 389 16.12 9.56 21.34
N ALA A 390 16.32 10.29 22.43
CA ALA A 390 16.14 11.75 22.51
C ALA A 390 16.98 12.46 21.43
N ASN A 391 18.17 11.96 21.09
CA ASN A 391 19.10 12.65 20.15
C ASN A 391 18.89 12.15 18.70
N SER A 392 17.66 12.24 18.18
CA SER A 392 17.28 11.64 16.87
C SER A 392 16.70 12.68 15.91
N ILE A 393 16.91 12.41 14.63
CA ILE A 393 16.20 13.00 13.46
C ILE A 393 15.46 11.82 12.83
N VAL A 394 14.14 11.95 12.66
CA VAL A 394 13.28 10.80 12.25
C VAL A 394 12.32 11.21 11.14
N CYS A 395 12.25 10.38 10.10
CA CYS A 395 11.13 10.30 9.15
C CYS A 395 10.42 8.94 9.37
N ARG A 396 9.12 8.97 9.70
CA ARG A 396 8.33 7.76 10.00
C ARG A 396 7.04 7.80 9.16
N PHE A 397 6.84 6.81 8.32
CA PHE A 397 5.62 6.65 7.52
C PHE A 397 4.41 6.40 8.44
N ASP A 398 3.38 7.23 8.28
CA ASP A 398 2.09 7.09 8.99
C ASP A 398 1.18 6.16 8.19
N THR A 399 1.00 4.96 8.70
CA THR A 399 0.25 3.86 8.05
C THR A 399 -1.23 4.22 7.88
N ARG A 400 -1.76 5.19 8.65
CA ARG A 400 -3.20 5.54 8.64
C ARG A 400 -3.55 6.41 7.42
N VAL A 401 -2.56 6.89 6.65
CA VAL A 401 -2.78 7.87 5.55
C VAL A 401 -3.60 7.20 4.44
N LEU A 402 -4.62 7.90 3.93
CA LEU A 402 -5.40 7.50 2.72
C LEU A 402 -4.69 8.03 1.47
N SER A 403 -4.31 7.12 0.57
CA SER A 403 -3.72 7.42 -0.75
C SER A 403 -3.82 6.18 -1.65
N ASN A 404 -3.63 6.39 -2.94
CA ASN A 404 -3.58 5.31 -3.96
C ASN A 404 -2.31 4.47 -3.77
N LEU A 405 -1.29 4.96 -3.08
CA LEU A 405 -0.02 4.20 -2.89
C LEU A 405 -0.11 3.29 -1.66
N ASN A 406 -0.95 3.65 -0.69
CA ASN A 406 -1.03 3.00 0.65
C ASN A 406 -2.25 2.08 0.70
N LEU A 407 -2.01 0.78 0.73
CA LEU A 407 -3.07 -0.25 0.76
C LEU A 407 -3.21 -0.72 2.20
N PRO A 408 -4.42 -1.15 2.60
CA PRO A 408 -4.64 -1.72 3.93
C PRO A 408 -3.72 -2.93 4.15
N GLY A 409 -3.19 -3.08 5.36
CA GLY A 409 -2.25 -4.15 5.69
C GLY A 409 -2.68 -4.99 6.87
N CYS A 410 -1.71 -5.63 7.53
N CYS A 410 -1.70 -5.62 7.51
CA CYS A 410 -1.88 -6.68 8.56
CA CYS A 410 -1.86 -6.62 8.61
C CYS A 410 -1.56 -6.10 9.97
C CYS A 410 -1.61 -5.98 9.97
N ASP A 411 -2.49 -6.31 10.91
CA ASP A 411 -2.32 -5.95 12.33
C ASP A 411 -2.03 -4.44 12.48
N GLY A 412 -2.82 -3.63 11.77
CA GLY A 412 -2.74 -2.14 11.79
C GLY A 412 -1.66 -1.58 10.87
N GLY A 413 -0.76 -2.42 10.37
CA GLY A 413 0.25 -2.02 9.37
C GLY A 413 -0.41 -1.68 8.04
N SER A 414 0.34 -1.07 7.14
CA SER A 414 -0.13 -0.73 5.77
C SER A 414 0.90 -1.21 4.76
N LEU A 415 0.42 -1.48 3.56
CA LEU A 415 1.28 -1.88 2.44
C LEU A 415 1.49 -0.68 1.54
N TYR A 416 2.64 -0.03 1.66
CA TYR A 416 2.98 1.18 0.87
C TYR A 416 3.66 0.74 -0.40
N VAL A 417 3.04 0.98 -1.56
CA VAL A 417 3.58 0.51 -2.85
C VAL A 417 4.01 1.71 -3.70
N ASN A 418 5.32 1.93 -3.77
CA ASN A 418 5.95 3.05 -4.52
C ASN A 418 7.24 2.49 -5.11
N LYS A 419 7.15 2.10 -6.39
CA LYS A 419 8.15 1.30 -7.14
C LYS A 419 8.24 -0.10 -6.53
N HIS A 420 8.42 -0.21 -5.21
CA HIS A 420 8.51 -1.51 -4.46
C HIS A 420 7.40 -1.55 -3.42
N ALA A 421 7.05 -2.74 -2.95
CA ALA A 421 6.03 -2.94 -1.89
C ALA A 421 6.75 -3.02 -0.53
N PHE A 422 6.40 -2.15 0.42
CA PHE A 422 6.91 -2.09 1.81
C PHE A 422 5.76 -2.24 2.79
N HIS A 423 5.58 -3.42 3.39
CA HIS A 423 4.61 -3.57 4.51
C HIS A 423 5.21 -2.84 5.71
N THR A 424 4.47 -1.94 6.36
CA THR A 424 5.01 -1.01 7.38
C THR A 424 4.24 -1.26 8.66
N PRO A 425 4.91 -1.50 9.81
CA PRO A 425 4.21 -1.67 11.09
C PRO A 425 3.32 -0.46 11.45
N ALA A 426 2.21 -0.71 12.12
CA ALA A 426 1.24 0.30 12.60
C ALA A 426 1.97 1.53 13.16
N PHE A 427 1.62 2.72 12.64
CA PHE A 427 2.03 4.00 13.25
C PHE A 427 1.66 3.99 14.75
N ASP A 428 2.59 4.43 15.60
CA ASP A 428 2.47 4.49 17.07
C ASP A 428 3.07 5.81 17.54
N LYS A 429 2.23 6.73 18.00
CA LYS A 429 2.62 8.06 18.55
C LYS A 429 3.58 7.91 19.75
N SER A 430 3.46 6.85 20.53
CA SER A 430 4.31 6.61 21.73
C SER A 430 5.79 6.44 21.30
N ALA A 431 6.08 6.09 20.05
CA ALA A 431 7.49 5.92 19.60
C ALA A 431 8.23 7.27 19.67
N PHE A 432 7.51 8.40 19.66
CA PHE A 432 8.14 9.74 19.50
C PHE A 432 8.19 10.49 20.84
N VAL A 433 7.96 9.83 21.98
CA VAL A 433 7.81 10.53 23.29
C VAL A 433 9.05 11.36 23.61
N ASN A 434 10.26 10.96 23.19
CA ASN A 434 11.51 11.70 23.50
C ASN A 434 11.76 12.85 22.51
N LEU A 435 10.92 13.00 21.49
CA LEU A 435 11.11 13.97 20.39
C LEU A 435 9.92 14.93 20.33
N LYS A 436 10.02 15.88 19.42
CA LYS A 436 8.91 16.79 19.05
C LYS A 436 8.77 16.74 17.52
N GLN A 437 7.64 17.19 17.03
CA GLN A 437 7.40 17.30 15.57
C GLN A 437 8.35 18.36 15.02
N LEU A 438 8.92 18.10 13.85
CA LEU A 438 9.84 19.05 13.19
C LEU A 438 8.98 20.10 12.49
N PRO A 439 9.11 21.39 12.85
CA PRO A 439 8.37 22.43 12.15
C PRO A 439 8.93 22.57 10.73
N PHE A 440 8.09 23.02 9.80
CA PHE A 440 8.49 23.46 8.42
C PHE A 440 9.47 24.63 8.51
N PHE A 441 10.52 24.58 7.71
CA PHE A 441 11.45 25.70 7.47
C PHE A 441 12.18 25.42 6.16
N TYR A 442 12.68 26.49 5.56
CA TYR A 442 13.58 26.42 4.40
C TYR A 442 14.88 27.15 4.76
N TYR A 443 16.02 26.51 4.60
CA TYR A 443 17.35 27.10 4.87
C TYR A 443 18.15 27.08 3.56
N SER A 444 18.83 28.18 3.25
CA SER A 444 19.81 28.24 2.15
C SER A 444 20.95 29.21 2.49
N ASP A 445 22.17 28.73 2.28
CA ASP A 445 23.43 29.50 2.28
C ASP A 445 23.83 29.87 0.84
N SER A 446 23.04 29.53 -0.18
CA SER A 446 23.42 29.77 -1.60
C SER A 446 23.41 31.27 -1.87
N PRO A 447 24.19 31.78 -2.84
CA PRO A 447 24.19 33.22 -3.14
C PRO A 447 22.82 33.69 -3.64
N CYS A 448 22.42 34.91 -3.28
CA CYS A 448 21.21 35.56 -3.84
C CYS A 448 21.54 35.98 -5.26
N GLU A 449 21.11 35.20 -6.25
CA GLU A 449 21.43 35.41 -7.68
C GLU A 449 20.44 34.59 -8.53
N SER A 450 19.64 35.29 -9.34
CA SER A 450 18.42 34.80 -10.06
C SER A 450 18.76 33.74 -11.11
N HIS A 451 19.48 34.13 -12.19
CA HIS A 451 19.91 33.24 -13.30
C HIS A 451 18.71 32.72 -14.11
N GLY A 452 18.74 32.88 -15.45
CA GLY A 452 17.89 32.14 -16.40
C GLY A 452 16.73 32.98 -16.92
N ILE A 459 8.46 31.96 -15.16
CA ILE A 459 7.68 31.95 -13.89
C ILE A 459 7.76 33.35 -13.27
N ASP A 460 6.62 34.00 -12.97
CA ASP A 460 6.54 35.41 -12.50
C ASP A 460 6.45 35.47 -10.96
N TYR A 461 6.79 36.65 -10.38
CA TYR A 461 7.09 36.89 -8.94
C TYR A 461 6.01 37.78 -8.32
N VAL A 462 5.50 37.37 -7.15
CA VAL A 462 4.93 38.26 -6.08
C VAL A 462 5.88 38.15 -4.90
N PRO A 463 6.38 39.26 -4.30
CA PRO A 463 7.44 39.17 -3.29
C PRO A 463 7.05 38.25 -2.11
N LEU A 464 7.98 37.38 -1.70
CA LEU A 464 7.74 36.45 -0.57
C LEU A 464 8.00 37.15 0.75
N LYS A 465 7.04 37.03 1.67
CA LYS A 465 7.22 37.36 3.10
C LYS A 465 7.00 36.08 3.92
N SER A 466 8.00 35.64 4.67
CA SER A 466 7.90 34.40 5.48
C SER A 466 8.98 34.41 6.56
N ALA A 467 8.55 34.20 7.80
CA ALA A 467 9.42 34.01 8.97
C ALA A 467 10.27 32.73 8.81
N THR A 468 9.87 31.79 7.94
CA THR A 468 10.52 30.45 7.85
C THR A 468 11.41 30.34 6.60
N CYS A 469 11.70 31.46 5.95
CA CYS A 469 12.67 31.52 4.84
C CYS A 469 13.99 31.95 5.45
N ILE A 470 14.83 30.98 5.80
CA ILE A 470 16.10 31.25 6.53
C ILE A 470 17.22 31.44 5.50
N THR A 471 17.37 32.68 5.05
CA THR A 471 18.38 33.09 4.06
C THR A 471 19.00 34.45 4.46
N ARG A 472 20.18 34.75 3.93
CA ARG A 472 20.89 36.05 4.11
C ARG A 472 19.93 37.19 3.77
N CYS A 473 19.18 37.06 2.68
CA CYS A 473 18.32 38.13 2.14
C CYS A 473 17.17 38.40 3.12
N ASN A 474 16.60 37.35 3.71
CA ASN A 474 15.55 37.52 4.75
C ASN A 474 16.18 38.08 6.03
N LEU A 475 17.41 37.70 6.36
CA LEU A 475 18.11 38.31 7.51
C LEU A 475 18.23 39.83 7.25
N GLY A 476 18.64 40.17 6.02
CA GLY A 476 18.75 41.55 5.52
C GLY A 476 17.41 42.27 5.35
N GLY A 477 16.27 41.59 5.56
CA GLY A 477 14.93 42.21 5.61
C GLY A 477 14.13 42.14 4.31
N ALA A 478 14.60 41.49 3.24
CA ALA A 478 13.94 41.41 1.91
C ALA A 478 14.36 40.14 1.14
N VAL A 479 13.50 39.12 1.05
CA VAL A 479 13.81 37.86 0.32
C VAL A 479 14.08 38.14 -1.18
N CYS A 480 15.19 37.64 -1.72
CA CYS A 480 15.51 37.81 -3.16
C CYS A 480 14.68 36.83 -4.01
N ARG A 481 14.56 37.10 -5.31
CA ARG A 481 13.68 36.31 -6.21
C ARG A 481 14.13 34.84 -6.21
N HIS A 482 15.43 34.56 -6.37
CA HIS A 482 15.97 33.18 -6.39
C HIS A 482 15.51 32.40 -5.14
N HIS A 483 15.79 32.91 -3.95
CA HIS A 483 15.46 32.23 -2.67
C HIS A 483 13.94 32.18 -2.51
N ALA A 484 13.18 33.13 -3.07
CA ALA A 484 11.70 33.10 -3.05
C ALA A 484 11.21 31.93 -3.93
N ASN A 485 11.84 31.71 -5.08
CA ASN A 485 11.44 30.64 -6.04
C ASN A 485 11.76 29.29 -5.41
N GLU A 486 12.98 29.15 -4.87
CA GLU A 486 13.48 27.93 -4.19
C GLU A 486 12.63 27.62 -2.96
N TYR A 487 12.27 28.63 -2.16
CA TYR A 487 11.39 28.45 -0.98
C TYR A 487 10.08 27.80 -1.43
N ARG A 488 9.47 28.33 -2.49
CA ARG A 488 8.10 27.92 -2.90
C ARG A 488 8.15 26.50 -3.47
N LEU A 489 9.23 26.17 -4.19
CA LEU A 489 9.47 24.81 -4.70
C LEU A 489 9.66 23.84 -3.53
N TYR A 490 10.42 24.24 -2.51
CA TYR A 490 10.68 23.42 -1.32
C TYR A 490 9.39 23.20 -0.53
N LEU A 491 8.60 24.25 -0.32
CA LEU A 491 7.29 24.17 0.38
C LEU A 491 6.37 23.17 -0.35
N ASP A 492 6.34 23.20 -1.69
CA ASP A 492 5.49 22.25 -2.46
C ASP A 492 6.00 20.81 -2.25
N ALA A 493 7.31 20.58 -2.36
CA ALA A 493 7.96 19.28 -2.14
C ALA A 493 7.61 18.76 -0.72
N TYR A 494 7.82 19.58 0.28
CA TYR A 494 7.51 19.28 1.69
C TYR A 494 6.04 18.86 1.84
N ASN A 495 5.11 19.64 1.28
CA ASN A 495 3.65 19.38 1.44
C ASN A 495 3.29 18.07 0.71
N MET A 496 3.98 17.75 -0.38
CA MET A 496 3.79 16.50 -1.15
C MET A 496 4.16 15.32 -0.24
N MET A 497 5.35 15.37 0.34
CA MET A 497 5.89 14.27 1.17
C MET A 497 5.00 14.06 2.41
N ILE A 498 4.52 15.13 3.02
CA ILE A 498 3.63 15.04 4.20
C ILE A 498 2.30 14.45 3.79
N SER A 499 1.69 14.95 2.74
CA SER A 499 0.43 14.46 2.17
C SER A 499 0.54 12.95 1.85
N ALA A 500 1.71 12.46 1.40
CA ALA A 500 1.99 11.05 1.08
C ALA A 500 1.97 10.17 2.34
N GLY A 501 2.05 10.74 3.55
CA GLY A 501 1.97 9.97 4.81
C GLY A 501 3.20 10.05 5.67
N PHE A 502 4.28 10.69 5.22
CA PHE A 502 5.53 10.78 5.99
C PHE A 502 5.41 11.83 7.10
N SER A 503 5.95 11.52 8.27
CA SER A 503 5.94 12.42 9.45
C SER A 503 7.38 12.62 9.89
N LEU A 504 7.71 13.82 10.38
CA LEU A 504 9.10 14.24 10.68
C LEU A 504 9.17 14.63 12.15
N TRP A 505 10.17 14.12 12.84
CA TRP A 505 10.37 14.32 14.29
C TRP A 505 11.83 14.65 14.54
N VAL A 506 12.09 15.44 15.58
CA VAL A 506 13.46 15.93 15.86
C VAL A 506 13.66 16.05 17.38
N TYR A 507 14.91 16.03 17.78
CA TYR A 507 15.34 16.23 19.18
C TYR A 507 14.78 17.57 19.67
N LYS A 508 14.42 17.63 20.95
CA LYS A 508 13.63 18.78 21.48
C LYS A 508 14.44 20.09 21.47
N GLN A 509 15.76 20.06 21.46
CA GLN A 509 16.60 21.28 21.51
C GLN A 509 16.63 21.92 20.12
N PHE A 510 16.11 21.27 19.07
CA PHE A 510 16.25 21.79 17.70
C PHE A 510 15.54 23.15 17.63
N ASP A 511 16.24 24.17 17.14
CA ASP A 511 15.70 25.55 17.09
C ASP A 511 16.24 26.22 15.84
N THR A 512 15.37 26.59 14.90
CA THR A 512 15.80 27.25 13.64
C THR A 512 16.44 28.63 13.93
N TYR A 513 16.22 29.17 15.12
CA TYR A 513 16.82 30.47 15.50
C TYR A 513 18.34 30.34 15.44
N ASN A 514 18.86 29.13 15.63
CA ASN A 514 20.31 28.87 15.66
C ASN A 514 20.90 28.90 14.25
N LEU A 515 20.09 28.94 13.20
CA LEU A 515 20.61 28.94 11.79
C LEU A 515 20.95 30.38 11.33
N TRP A 516 20.37 31.41 11.92
CA TRP A 516 20.59 32.80 11.39
C TRP A 516 22.09 33.19 11.49
N ASN A 517 22.83 32.72 12.49
CA ASN A 517 24.25 33.11 12.70
C ASN A 517 25.20 32.22 11.87
N THR A 518 24.70 31.33 11.02
CA THR A 518 25.53 30.59 10.01
C THR A 518 25.74 31.48 8.79
N PHE A 519 25.10 32.65 8.76
CA PHE A 519 25.49 33.84 7.94
C PHE A 519 25.96 34.94 8.91
N THR A 520 27.17 35.48 8.67
CA THR A 520 27.78 36.59 9.45
C THR A 520 28.67 37.40 8.49
ZN ZN B . -6.09 -8.83 9.83
ZN ZN C . 18.41 35.40 -1.33
ZN ZN D . -11.57 3.11 -20.65
P PO4 E . -1.35 -3.70 -11.69
O1 PO4 E . -2.24 -2.66 -12.41
O2 PO4 E . -0.30 -3.00 -10.78
O3 PO4 E . -0.61 -4.50 -12.78
O4 PO4 E . -2.22 -4.61 -10.77
P PO4 F . 19.26 26.42 -2.79
O1 PO4 F . 19.46 27.77 -3.51
O2 PO4 F . 20.04 26.39 -1.45
O3 PO4 F . 17.75 26.20 -2.52
O4 PO4 F . 19.80 25.31 -3.70
#